data_5XYH
#
_entry.id   5XYH
#
_cell.length_a   46.142
_cell.length_b   90.720
_cell.length_c   99.781
_cell.angle_alpha   90.00
_cell.angle_beta   90.00
_cell.angle_gamma   90.00
#
_symmetry.space_group_name_H-M   'P 21 21 21'
#
loop_
_entity.id
_entity.type
_entity.pdbx_description
1 polymer CbsA
2 water water
#
_entity_poly.entity_id   1
_entity_poly.type   'polypeptide(L)'
_entity_poly.pdbx_seq_one_letter_code
;QSHVDNPFVGASGYVNPDYSKEVDSSIVKVKDVQLKAKMQVVKSYPTYVWLDSIDAIYGGSRNAGRLSLQGHLNAALAQK
KANTPITVGLVIYDMPGRDCHALASNGELPLTQAGLQRYKTEYIDVIASTLANPKYKGLRIVNIIEPDSLPNLVTNQSTP
ACGQASSSGIYEAGIKYALDKLHAIPNVYNYMDIGHSGWLAWRSNMTPAISLYTRVVQGTAAGLASADGFITNTANYTPL
HEPNLPNPDLTIGGQPISSSTFYQWNSVFDESTYAEVLYNAFVGAGWPSKIGFLIDTGRNGWGGSARPTSASGNDVNTYV
NSGRVDRRLHRGNWCNQSGAGIGMPPTAAPGGHIHAYVWGKGGGESDGSSKYIPNKQGKGFDRYCDPTYTTPDGTLTGAL
PNAPIAGTWFHAHFVQLVTNAYPAI
;
_entity_poly.pdbx_strand_id   A
#
# COMPACT_ATOMS: atom_id res chain seq x y z
N SER A 2 24.43 -5.68 12.10
CA SER A 2 23.54 -4.52 12.01
C SER A 2 22.33 -4.76 11.13
N HIS A 3 22.54 -5.08 9.85
CA HIS A 3 21.44 -5.25 8.92
C HIS A 3 20.90 -6.68 9.03
N VAL A 4 19.74 -6.84 9.66
CA VAL A 4 19.22 -8.19 9.91
C VAL A 4 18.37 -8.65 8.74
N ASP A 5 18.04 -9.93 8.70
CA ASP A 5 17.29 -10.49 7.58
C ASP A 5 15.88 -9.92 7.51
N ASN A 6 15.21 -9.87 8.64
CA ASN A 6 13.84 -9.37 8.72
C ASN A 6 13.78 -8.32 9.83
N PRO A 7 13.69 -7.03 9.50
CA PRO A 7 13.76 -6.00 10.55
C PRO A 7 12.58 -6.00 11.49
N PHE A 8 11.51 -6.72 11.19
CA PHE A 8 10.36 -6.73 12.09
C PHE A 8 10.53 -7.70 13.24
N VAL A 9 11.46 -8.66 13.13
CA VAL A 9 11.55 -9.70 14.15
C VAL A 9 12.00 -9.09 15.47
N GLY A 10 11.21 -9.32 16.52
CA GLY A 10 11.53 -8.82 17.84
C GLY A 10 11.39 -7.32 18.03
N ALA A 11 10.85 -6.60 17.05
CA ALA A 11 10.83 -5.15 17.10
C ALA A 11 9.43 -4.60 17.38
N SER A 12 9.38 -3.49 18.12
CA SER A 12 8.16 -2.72 18.18
C SER A 12 8.07 -1.84 16.93
N GLY A 13 6.99 -1.08 16.82
CA GLY A 13 6.82 -0.17 15.71
C GLY A 13 6.46 1.23 16.18
N TYR A 14 6.85 2.19 15.36
CA TYR A 14 6.62 3.60 15.66
C TYR A 14 5.15 3.95 15.48
N VAL A 15 4.54 4.52 16.52
CA VAL A 15 3.13 4.93 16.52
C VAL A 15 3.07 6.42 16.23
N ASN A 16 2.53 6.78 15.08
CA ASN A 16 2.57 8.16 14.57
C ASN A 16 1.58 9.04 15.33
N PRO A 17 2.05 10.06 16.06
CA PRO A 17 1.11 10.90 16.81
C PRO A 17 0.16 11.69 15.93
N ASP A 18 0.49 11.87 14.65
CA ASP A 18 -0.47 12.53 13.77
C ASP A 18 -1.67 11.64 13.47
N TYR A 19 -1.42 10.33 13.30
CA TYR A 19 -2.54 9.40 13.16
C TYR A 19 -3.34 9.33 14.45
N SER A 20 -2.66 9.28 15.60
CA SER A 20 -3.36 9.36 16.89
C SER A 20 -4.25 10.61 16.95
N LYS A 21 -3.74 11.76 16.52
CA LYS A 21 -4.54 12.98 16.60
C LYS A 21 -5.74 12.91 15.67
N GLU A 22 -5.57 12.33 14.49
CA GLU A 22 -6.70 12.08 13.59
C GLU A 22 -7.74 11.21 14.27
N VAL A 23 -7.31 10.08 14.84
CA VAL A 23 -8.24 9.16 15.49
C VAL A 23 -8.94 9.85 16.65
N ASP A 24 -8.19 10.64 17.44
CA ASP A 24 -8.81 11.37 18.56
C ASP A 24 -9.94 12.27 18.08
N SER A 25 -9.77 12.86 16.89
CA SER A 25 -10.81 13.73 16.34
C SER A 25 -12.11 12.97 16.08
N SER A 26 -12.02 11.66 15.84
CA SER A 26 -13.20 10.80 15.68
C SER A 26 -13.74 10.29 17.01
N ILE A 27 -12.86 9.98 17.96
CA ILE A 27 -13.31 9.51 19.26
C ILE A 27 -14.25 10.52 19.90
N VAL A 28 -13.90 11.80 19.86
CA VAL A 28 -14.74 12.78 20.54
C VAL A 28 -16.07 13.00 19.84
N LYS A 29 -16.21 12.61 18.57
CA LYS A 29 -17.48 12.76 17.86
C LYS A 29 -18.47 11.64 18.15
N VAL A 30 -18.01 10.45 18.57
CA VAL A 30 -18.88 9.30 18.78
C VAL A 30 -19.21 9.18 20.25
N LYS A 31 -20.47 8.84 20.56
CA LYS A 31 -20.88 8.75 21.96
C LYS A 31 -20.86 7.33 22.48
N ASP A 32 -20.89 6.35 21.58
CA ASP A 32 -20.72 4.94 21.88
C ASP A 32 -19.35 4.68 22.50
N VAL A 33 -19.33 4.37 23.80
CA VAL A 33 -18.05 4.22 24.51
C VAL A 33 -17.32 2.95 24.07
N GLN A 34 -18.05 1.92 23.64
CA GLN A 34 -17.37 0.74 23.10
C GLN A 34 -16.70 1.06 21.76
N LEU A 35 -17.34 1.90 20.95
CA LEU A 35 -16.70 2.34 19.71
C LEU A 35 -15.50 3.21 20.01
N LYS A 36 -15.63 4.12 20.98
CA LYS A 36 -14.47 4.89 21.44
C LYS A 36 -13.32 3.97 21.79
N ALA A 37 -13.62 2.88 22.48
CA ALA A 37 -12.57 1.98 22.96
C ALA A 37 -11.90 1.26 21.81
N LYS A 38 -12.68 0.81 20.83
CA LYS A 38 -12.10 0.18 19.65
C LYS A 38 -11.21 1.16 18.90
N MET A 39 -11.57 2.45 18.91
CA MET A 39 -10.75 3.46 18.26
C MET A 39 -9.46 3.72 19.04
N GLN A 40 -9.53 3.66 20.38
CA GLN A 40 -8.31 3.75 21.19
C GLN A 40 -7.33 2.64 20.83
N VAL A 41 -7.83 1.42 20.65
CA VAL A 41 -6.99 0.31 20.27
C VAL A 41 -6.40 0.53 18.88
N VAL A 42 -7.22 0.98 17.94
CA VAL A 42 -6.74 1.20 16.58
C VAL A 42 -5.58 2.19 16.56
N LYS A 43 -5.69 3.28 17.33
CA LYS A 43 -4.57 4.23 17.34
C LYS A 43 -3.37 3.75 18.14
N SER A 44 -3.43 2.56 18.75
CA SER A 44 -2.25 2.01 19.42
C SER A 44 -1.32 1.28 18.45
N TYR A 45 -1.73 1.13 17.15
CA TYR A 45 -0.94 0.34 16.22
C TYR A 45 -0.05 1.23 15.36
N PRO A 46 1.15 0.75 15.02
CA PRO A 46 2.01 1.50 14.10
C PRO A 46 1.35 1.68 12.74
N THR A 47 1.54 2.87 12.15
CA THR A 47 1.09 3.17 10.81
C THR A 47 2.22 3.84 10.03
N TYR A 48 2.25 3.61 8.72
CA TYR A 48 3.34 4.13 7.91
C TYR A 48 3.15 5.61 7.60
N VAL A 49 4.27 6.33 7.51
CA VAL A 49 4.29 7.77 7.24
C VAL A 49 4.54 7.99 5.75
N TRP A 50 3.57 8.60 5.06
CA TRP A 50 3.69 8.83 3.62
C TRP A 50 4.46 10.12 3.37
N LEU A 51 5.63 10.00 2.74
CA LEU A 51 6.36 11.17 2.26
C LEU A 51 5.92 11.44 0.82
N ASP A 52 4.71 11.97 0.68
CA ASP A 52 4.08 12.11 -0.63
C ASP A 52 4.42 13.40 -1.34
N SER A 53 5.38 14.17 -0.83
CA SER A 53 5.88 15.37 -1.52
C SER A 53 7.15 15.79 -0.82
N ILE A 54 7.91 16.67 -1.49
CA ILE A 54 9.04 17.31 -0.83
C ILE A 54 8.57 18.02 0.43
N ASP A 55 7.43 18.71 0.36
CA ASP A 55 6.90 19.40 1.53
C ASP A 55 6.67 18.46 2.71
N ALA A 56 6.32 17.20 2.45
CA ALA A 56 6.10 16.26 3.54
C ALA A 56 7.38 16.02 4.35
N ILE A 57 8.56 16.20 3.73
CA ILE A 57 9.80 16.03 4.50
C ILE A 57 9.89 17.06 5.61
N TYR A 58 9.37 18.26 5.38
CA TYR A 58 9.54 19.39 6.28
C TYR A 58 8.37 19.57 7.25
N GLY A 59 7.16 19.10 6.89
CA GLY A 59 6.07 19.14 7.83
C GLY A 59 5.64 20.55 8.19
N GLY A 60 5.04 20.69 9.37
CA GLY A 60 4.57 21.96 9.85
C GLY A 60 3.63 22.64 8.87
N SER A 61 3.84 23.94 8.68
CA SER A 61 2.96 24.68 7.78
C SER A 61 3.15 24.24 6.33
N ARG A 62 4.22 23.53 6.02
CA ARG A 62 4.37 23.01 4.67
C ARG A 62 3.58 21.73 4.46
N ASN A 63 3.06 21.09 5.52
CA ASN A 63 2.32 19.86 5.26
C ASN A 63 1.21 19.66 6.29
N ALA A 64 0.23 20.55 6.26
CA ALA A 64 -1.03 20.40 6.99
C ALA A 64 -0.81 20.20 8.49
N GLY A 65 0.26 20.78 9.04
CA GLY A 65 0.58 20.66 10.45
C GLY A 65 1.22 19.35 10.86
N ARG A 66 1.48 18.43 9.93
CA ARG A 66 2.05 17.15 10.30
C ARG A 66 3.51 17.32 10.75
N LEU A 67 4.01 16.30 11.46
CA LEU A 67 5.40 16.30 11.87
C LEU A 67 6.32 16.29 10.65
N SER A 68 7.50 16.90 10.82
CA SER A 68 8.58 16.73 9.85
C SER A 68 9.14 15.33 9.93
N LEU A 69 9.91 14.94 8.90
CA LEU A 69 10.61 13.67 8.94
C LEU A 69 11.47 13.56 10.19
N GLN A 70 12.19 14.63 10.53
CA GLN A 70 12.99 14.59 11.76
C GLN A 70 12.11 14.48 13.00
N GLY A 71 10.95 15.15 13.00
CA GLY A 71 10.04 15.01 14.12
C GLY A 71 9.56 13.58 14.31
N HIS A 72 9.26 12.91 13.21
CA HIS A 72 8.89 11.49 13.28
C HIS A 72 10.03 10.67 13.86
N LEU A 73 11.25 10.91 13.37
CA LEU A 73 12.38 10.11 13.83
C LEU A 73 12.70 10.39 15.29
N ASN A 74 12.52 11.65 15.72
CA ASN A 74 12.66 11.99 17.14
C ASN A 74 11.60 11.30 17.98
N ALA A 75 10.34 11.32 17.53
CA ALA A 75 9.31 10.63 18.30
C ALA A 75 9.60 9.14 18.39
N ALA A 76 10.12 8.56 17.30
CA ALA A 76 10.42 7.13 17.29
C ALA A 76 11.46 6.80 18.35
N LEU A 77 12.46 7.67 18.51
CA LEU A 77 13.48 7.46 19.54
C LEU A 77 12.86 7.33 20.91
N ALA A 78 11.90 8.21 21.21
CA ALA A 78 11.22 8.26 22.50
C ALA A 78 10.31 7.08 22.74
N GLN A 79 9.95 6.32 21.69
CA GLN A 79 9.14 5.14 21.89
C GLN A 79 9.96 3.85 21.94
N LYS A 80 11.27 3.92 21.71
CA LYS A 80 12.09 2.72 21.65
C LYS A 80 12.28 2.11 23.04
N LYS A 81 11.95 0.83 23.19
CA LYS A 81 12.19 0.14 24.45
C LYS A 81 13.65 -0.29 24.56
N ALA A 82 14.12 -0.39 25.80
CA ALA A 82 15.51 -0.75 26.07
C ALA A 82 15.85 -2.11 25.46
N ASN A 83 16.95 -2.16 24.70
CA ASN A 83 17.46 -3.38 24.08
C ASN A 83 16.44 -4.03 23.17
N THR A 84 15.50 -3.26 22.64
CA THR A 84 14.45 -3.77 21.77
C THR A 84 14.48 -2.96 20.49
N PRO A 85 14.60 -3.58 19.32
CA PRO A 85 14.57 -2.82 18.08
C PRO A 85 13.18 -2.21 17.87
N ILE A 86 13.13 -1.21 17.00
CA ILE A 86 11.89 -0.54 16.62
C ILE A 86 11.95 -0.24 15.12
N THR A 87 10.84 -0.48 14.41
CA THR A 87 10.77 -0.14 12.99
C THR A 87 10.01 1.16 12.80
N VAL A 88 10.51 2.01 11.90
CA VAL A 88 9.87 3.27 11.53
C VAL A 88 9.44 3.14 10.08
N GLY A 89 8.13 3.13 9.84
CA GLY A 89 7.61 2.88 8.51
C GLY A 89 7.46 4.16 7.70
N LEU A 90 8.07 4.16 6.51
CA LEU A 90 8.03 5.29 5.59
C LEU A 90 7.58 4.81 4.23
N VAL A 91 6.83 5.65 3.53
CA VAL A 91 6.43 5.42 2.15
C VAL A 91 7.16 6.45 1.30
N ILE A 92 8.07 5.97 0.46
CA ILE A 92 8.81 6.79 -0.49
C ILE A 92 7.91 6.96 -1.71
N TYR A 93 7.42 8.18 -1.95
CA TYR A 93 6.28 8.33 -2.87
C TYR A 93 6.29 9.73 -3.49
N ASP A 94 7.29 10.01 -4.34
CA ASP A 94 7.28 11.25 -5.10
C ASP A 94 7.86 11.08 -6.51
N MET A 95 7.66 9.92 -7.12
CA MET A 95 8.15 9.66 -8.47
C MET A 95 7.76 10.78 -9.42
N PRO A 96 8.66 11.23 -10.29
CA PRO A 96 8.25 12.05 -11.43
C PRO A 96 7.15 11.35 -12.24
N GLY A 97 6.16 12.13 -12.66
CA GLY A 97 5.02 11.54 -13.35
C GLY A 97 4.26 10.51 -12.53
N ARG A 98 4.14 10.77 -11.22
CA ARG A 98 3.56 9.80 -10.29
C ARG A 98 2.18 9.36 -10.73
N ASP A 99 1.86 8.09 -10.48
CA ASP A 99 0.53 7.52 -10.72
C ASP A 99 0.09 7.70 -12.18
N CYS A 100 0.88 7.14 -13.08
CA CYS A 100 0.68 7.40 -14.50
C CYS A 100 -0.70 6.93 -15.00
N HIS A 101 -1.33 5.98 -14.30
CA HIS A 101 -2.61 5.44 -14.73
C HIS A 101 -3.80 6.13 -14.07
N ALA A 102 -3.55 6.98 -13.07
CA ALA A 102 -4.61 7.70 -12.40
C ALA A 102 -5.29 8.69 -13.34
N LEU A 103 -6.58 8.94 -13.10
CA LEU A 103 -7.29 10.00 -13.81
C LEU A 103 -6.78 11.38 -13.41
N ALA A 104 -6.40 11.55 -12.15
CA ALA A 104 -5.89 12.82 -11.63
C ALA A 104 -4.85 12.51 -10.55
N SER A 105 -3.59 12.48 -10.94
CA SER A 105 -2.51 12.31 -9.98
C SER A 105 -2.24 13.62 -9.24
N ASN A 106 -1.81 13.51 -7.98
CA ASN A 106 -1.40 14.70 -7.25
C ASN A 106 0.11 14.84 -7.19
N GLY A 107 0.86 14.00 -7.91
CA GLY A 107 2.30 14.08 -7.86
C GLY A 107 2.80 15.41 -8.36
N GLU A 108 3.74 16.01 -7.64
CA GLU A 108 4.19 17.36 -7.95
C GLU A 108 5.24 17.40 -9.05
N LEU A 109 5.94 16.31 -9.30
CA LEU A 109 7.11 16.36 -10.16
C LEU A 109 6.75 15.92 -11.56
N PRO A 110 7.18 16.65 -12.58
CA PRO A 110 6.87 16.28 -13.96
C PRO A 110 7.74 15.14 -14.46
N LEU A 111 7.18 14.39 -15.41
CA LEU A 111 7.86 13.28 -16.06
C LEU A 111 8.82 13.82 -17.13
N THR A 112 9.88 14.44 -16.64
CA THR A 112 10.97 14.98 -17.44
C THR A 112 12.28 14.71 -16.72
N GLN A 113 13.38 14.84 -17.45
CA GLN A 113 14.71 14.78 -16.82
C GLN A 113 14.86 15.85 -15.74
N ALA A 114 14.36 17.06 -15.99
CA ALA A 114 14.39 18.05 -14.92
C ALA A 114 13.60 17.57 -13.72
N GLY A 115 12.46 16.90 -13.95
CA GLY A 115 11.71 16.35 -12.84
C GLY A 115 12.49 15.31 -12.07
N LEU A 116 13.18 14.43 -12.80
CA LEU A 116 13.97 13.39 -12.17
C LEU A 116 15.09 13.98 -11.32
N GLN A 117 15.73 15.06 -11.80
CA GLN A 117 16.81 15.66 -11.00
C GLN A 117 16.28 16.27 -9.71
N ARG A 118 15.09 16.87 -9.75
CA ARG A 118 14.47 17.34 -8.52
C ARG A 118 14.21 16.18 -7.57
N TYR A 119 13.68 15.07 -8.11
CA TYR A 119 13.46 13.87 -7.29
C TYR A 119 14.75 13.45 -6.59
N LYS A 120 15.86 13.44 -7.33
CA LYS A 120 17.15 13.04 -6.75
C LYS A 120 17.61 14.01 -5.67
N THR A 121 17.60 15.32 -5.99
CA THR A 121 18.27 16.30 -5.12
C THR A 121 17.37 16.79 -3.99
N GLU A 122 16.13 17.19 -4.29
CA GLU A 122 15.28 17.79 -3.26
C GLU A 122 14.47 16.78 -2.46
N TYR A 123 14.37 15.54 -2.93
CA TYR A 123 13.56 14.52 -2.26
C TYR A 123 14.45 13.39 -1.73
N ILE A 124 15.00 12.55 -2.61
CA ILE A 124 15.76 11.37 -2.14
C ILE A 124 16.99 11.79 -1.33
N ASP A 125 17.78 12.75 -1.84
CA ASP A 125 19.00 13.13 -1.13
C ASP A 125 18.69 13.66 0.27
N VAL A 126 17.64 14.47 0.40
CA VAL A 126 17.28 15.06 1.69
C VAL A 126 16.82 13.97 2.65
N ILE A 127 15.98 13.04 2.17
CA ILE A 127 15.56 11.92 3.00
C ILE A 127 16.76 11.09 3.44
N ALA A 128 17.63 10.75 2.49
CA ALA A 128 18.77 9.89 2.80
C ALA A 128 19.71 10.55 3.81
N SER A 129 19.99 11.84 3.65
CA SER A 129 20.89 12.49 4.61
C SER A 129 20.23 12.62 5.98
N THR A 130 18.92 12.83 6.02
CA THR A 130 18.22 12.81 7.30
C THR A 130 18.31 11.44 7.95
N LEU A 131 18.06 10.36 7.19
CA LEU A 131 18.09 9.04 7.81
C LEU A 131 19.51 8.64 8.24
N ALA A 132 20.54 9.16 7.56
CA ALA A 132 21.89 8.73 7.87
C ALA A 132 22.45 9.36 9.16
N ASN A 133 21.71 10.28 9.76
CA ASN A 133 22.15 11.00 10.96
C ASN A 133 22.46 10.00 12.07
N PRO A 134 23.70 10.00 12.63
CA PRO A 134 24.03 9.05 13.71
C PRO A 134 23.03 9.06 14.87
N LYS A 135 22.29 10.16 15.03
CA LYS A 135 21.26 10.23 16.06
C LYS A 135 20.23 9.11 15.91
N TYR A 136 20.04 8.60 14.70
CA TYR A 136 18.97 7.65 14.40
C TYR A 136 19.48 6.24 14.11
N LYS A 137 20.76 5.95 14.38
CA LYS A 137 21.32 4.64 14.08
C LYS A 137 20.60 3.52 14.86
N GLY A 138 19.97 3.84 15.99
CA GLY A 138 19.28 2.81 16.75
C GLY A 138 17.88 2.47 16.24
N LEU A 139 17.41 3.19 15.23
CA LEU A 139 16.12 2.95 14.59
C LEU A 139 16.32 2.09 13.34
N ARG A 140 15.35 1.22 13.08
CA ARG A 140 15.27 0.48 11.82
C ARG A 140 14.24 1.17 10.93
N ILE A 141 14.71 1.72 9.81
CA ILE A 141 13.84 2.45 8.89
C ILE A 141 13.37 1.44 7.83
N VAL A 142 12.07 1.31 7.66
CA VAL A 142 11.49 0.35 6.71
C VAL A 142 10.74 1.14 5.66
N ASN A 143 11.23 1.10 4.43
CA ASN A 143 10.69 1.89 3.33
C ASN A 143 9.77 1.06 2.43
N ILE A 144 8.58 1.61 2.16
CA ILE A 144 7.77 1.16 1.04
C ILE A 144 8.19 1.99 -0.17
N ILE A 145 8.77 1.33 -1.16
CA ILE A 145 9.42 2.01 -2.28
C ILE A 145 8.41 2.25 -3.40
N GLU A 146 8.03 3.53 -3.57
CA GLU A 146 7.22 4.11 -4.65
C GLU A 146 6.04 3.24 -5.05
N PRO A 147 4.98 3.21 -4.25
CA PRO A 147 3.75 2.53 -4.67
C PRO A 147 3.21 3.11 -5.98
N ASP A 148 2.50 2.25 -6.70
CA ASP A 148 1.79 2.64 -7.91
C ASP A 148 2.75 3.10 -9.01
N SER A 149 3.95 2.52 -9.09
CA SER A 149 4.90 2.95 -10.09
C SER A 149 5.12 1.81 -11.07
N LEU A 150 6.10 0.94 -10.82
CA LEU A 150 6.54 -0.06 -11.79
C LEU A 150 5.43 -0.94 -12.37
N PRO A 151 4.47 -1.47 -11.59
CA PRO A 151 3.45 -2.35 -12.19
C PRO A 151 2.72 -1.75 -13.38
N ASN A 152 2.54 -0.42 -13.40
CA ASN A 152 1.87 0.21 -14.53
C ASN A 152 2.64 0.05 -15.82
N LEU A 153 3.97 -0.07 -15.74
CA LEU A 153 4.75 -0.28 -16.95
C LEU A 153 4.45 -1.64 -17.60
N VAL A 154 3.93 -2.59 -16.83
CA VAL A 154 3.61 -3.91 -17.35
C VAL A 154 2.15 -4.01 -17.79
N THR A 155 1.23 -3.47 -17.00
CA THR A 155 -0.19 -3.72 -17.24
C THR A 155 -0.90 -2.58 -17.94
N ASN A 156 -0.35 -1.37 -17.91
CA ASN A 156 -1.08 -0.18 -18.37
C ASN A 156 -0.29 0.59 -19.42
N GLN A 157 0.49 -0.12 -20.24
CA GLN A 157 1.31 0.58 -21.22
C GLN A 157 0.46 1.28 -22.28
N SER A 158 -0.79 0.89 -22.48
CA SER A 158 -1.63 1.59 -23.44
C SER A 158 -2.02 2.98 -22.94
N THR A 159 -1.95 3.25 -21.64
CA THR A 159 -2.14 4.62 -21.16
C THR A 159 -0.92 5.45 -21.53
N PRO A 160 -1.08 6.58 -22.24
CA PRO A 160 0.09 7.30 -22.77
C PRO A 160 1.09 7.71 -21.70
N ALA A 161 0.61 8.19 -20.55
CA ALA A 161 1.50 8.57 -19.46
C ALA A 161 2.34 7.39 -19.01
N CYS A 162 1.77 6.18 -18.99
CA CYS A 162 2.53 5.01 -18.58
C CYS A 162 3.49 4.56 -19.67
N GLY A 163 3.07 4.62 -20.93
CA GLY A 163 4.01 4.36 -22.01
C GLY A 163 5.23 5.26 -21.94
N GLN A 164 5.01 6.52 -21.56
CA GLN A 164 6.13 7.46 -21.47
C GLN A 164 7.00 7.22 -20.24
N ALA A 165 6.38 6.85 -19.10
CA ALA A 165 7.14 6.44 -17.92
C ALA A 165 8.11 5.32 -18.27
N SER A 166 7.71 4.45 -19.19
CA SER A 166 8.58 3.36 -19.61
C SER A 166 9.65 3.84 -20.57
N SER A 167 9.22 4.42 -21.70
CA SER A 167 10.15 4.76 -22.78
C SER A 167 11.15 5.83 -22.37
N SER A 168 10.76 6.74 -21.47
CA SER A 168 11.68 7.75 -20.97
C SER A 168 12.73 7.16 -20.04
N GLY A 169 12.50 5.97 -19.51
CA GLY A 169 13.39 5.39 -18.50
C GLY A 169 13.29 6.01 -17.13
N ILE A 170 12.38 6.98 -16.92
CA ILE A 170 12.43 7.79 -15.71
C ILE A 170 11.98 7.00 -14.49
N TYR A 171 10.90 6.20 -14.61
CA TYR A 171 10.50 5.37 -13.46
C TYR A 171 11.65 4.50 -13.00
N GLU A 172 12.29 3.78 -13.94
CA GLU A 172 13.39 2.89 -13.59
C GLU A 172 14.57 3.66 -13.03
N ALA A 173 14.84 4.86 -13.57
CA ALA A 173 15.94 5.67 -13.05
C ALA A 173 15.65 6.16 -11.64
N GLY A 174 14.40 6.57 -11.38
CA GLY A 174 14.03 6.99 -10.03
C GLY A 174 14.14 5.88 -9.00
N ILE A 175 13.65 4.68 -9.33
CA ILE A 175 13.74 3.58 -8.39
C ILE A 175 15.20 3.23 -8.11
N LYS A 176 16.02 3.17 -9.15
CA LYS A 176 17.43 2.82 -8.96
C LYS A 176 18.11 3.81 -8.02
N TYR A 177 17.85 5.11 -8.22
CA TYR A 177 18.47 6.12 -7.38
C TYR A 177 17.98 6.02 -5.94
N ALA A 178 16.66 5.84 -5.76
CA ALA A 178 16.12 5.66 -4.43
C ALA A 178 16.77 4.48 -3.73
N LEU A 179 16.85 3.34 -4.42
CA LEU A 179 17.41 2.15 -3.79
C LEU A 179 18.89 2.37 -3.45
N ASP A 180 19.64 2.97 -4.38
CA ASP A 180 21.08 3.19 -4.13
C ASP A 180 21.29 4.04 -2.88
N LYS A 181 20.57 5.17 -2.79
CA LYS A 181 20.85 6.12 -1.70
C LYS A 181 20.29 5.62 -0.38
N LEU A 182 19.19 4.89 -0.40
CA LEU A 182 18.58 4.42 0.84
C LEU A 182 19.23 3.14 1.34
N HIS A 183 19.57 2.22 0.42
CA HIS A 183 20.25 1.00 0.85
C HIS A 183 21.63 1.29 1.43
N ALA A 184 22.25 2.41 1.07
CA ALA A 184 23.57 2.74 1.57
C ALA A 184 23.58 2.96 3.09
N ILE A 185 22.43 3.24 3.68
CA ILE A 185 22.32 3.44 5.13
C ILE A 185 22.01 2.09 5.76
N PRO A 186 22.87 1.58 6.66
CA PRO A 186 22.79 0.15 7.01
C PRO A 186 21.57 -0.22 7.85
N ASN A 187 20.95 0.74 8.53
CA ASN A 187 19.74 0.47 9.30
C ASN A 187 18.47 0.81 8.53
N VAL A 188 18.57 0.92 7.19
CA VAL A 188 17.41 1.19 6.33
C VAL A 188 17.08 -0.08 5.55
N TYR A 189 15.81 -0.45 5.53
CA TYR A 189 15.32 -1.64 4.87
C TYR A 189 14.34 -1.23 3.78
N ASN A 190 14.49 -1.79 2.59
CA ASN A 190 13.72 -1.36 1.42
C ASN A 190 12.85 -2.49 0.91
N TYR A 191 11.54 -2.25 0.83
CA TYR A 191 10.60 -3.21 0.26
C TYR A 191 9.95 -2.61 -0.99
N MET A 192 10.12 -3.28 -2.11
CA MET A 192 9.60 -2.84 -3.40
C MET A 192 8.08 -3.04 -3.46
N ASP A 193 7.33 -1.97 -3.72
CA ASP A 193 5.90 -2.10 -3.94
C ASP A 193 5.65 -2.88 -5.22
N ILE A 194 4.73 -3.84 -5.18
CA ILE A 194 4.48 -4.63 -6.38
C ILE A 194 2.98 -4.87 -6.54
N GLY A 195 2.18 -3.82 -6.33
CA GLY A 195 0.76 -3.87 -6.65
C GLY A 195 -0.01 -4.84 -5.77
N HIS A 196 -1.13 -5.34 -6.29
CA HIS A 196 -2.04 -6.13 -5.46
C HIS A 196 -2.99 -7.06 -6.21
N SER A 197 -3.31 -6.73 -7.46
CA SER A 197 -4.45 -7.37 -8.13
C SER A 197 -4.15 -8.81 -8.52
N GLY A 198 -2.88 -9.12 -8.77
CA GLY A 198 -2.52 -10.37 -9.41
C GLY A 198 -2.37 -10.27 -10.91
N TRP A 199 -2.76 -9.14 -11.53
CA TRP A 199 -2.64 -9.04 -12.99
C TRP A 199 -1.19 -9.01 -13.45
N LEU A 200 -0.27 -8.60 -12.57
CA LEU A 200 1.16 -8.66 -12.87
C LEU A 200 1.63 -10.08 -13.11
N ALA A 201 0.97 -11.07 -12.50
CA ALA A 201 1.37 -12.46 -12.61
C ALA A 201 0.62 -13.21 -13.72
N TRP A 202 -0.26 -12.55 -14.44
CA TRP A 202 -1.20 -13.21 -15.33
C TRP A 202 -0.58 -13.39 -16.72
N ARG A 203 -0.58 -14.63 -17.20
CA ARG A 203 -0.15 -14.99 -18.54
C ARG A 203 1.13 -14.30 -18.97
N SER A 204 1.08 -13.49 -20.03
CA SER A 204 2.31 -12.93 -20.58
C SER A 204 2.82 -11.73 -19.79
N ASN A 205 2.17 -11.40 -18.67
CA ASN A 205 2.63 -10.29 -17.84
C ASN A 205 3.72 -10.72 -16.87
N MET A 206 3.76 -12.01 -16.50
CA MET A 206 4.64 -12.42 -15.41
C MET A 206 6.12 -12.21 -15.80
N THR A 207 6.53 -12.70 -16.97
CA THR A 207 7.93 -12.55 -17.38
C THR A 207 8.38 -11.10 -17.42
N PRO A 208 7.69 -10.17 -18.10
CA PRO A 208 8.16 -8.77 -18.04
C PRO A 208 8.09 -8.18 -16.63
N ALA A 209 7.13 -8.59 -15.81
CA ALA A 209 7.06 -8.07 -14.45
C ALA A 209 8.28 -8.50 -13.65
N ILE A 210 8.50 -9.81 -13.56
CA ILE A 210 9.67 -10.32 -12.84
C ILE A 210 10.94 -9.75 -13.44
N SER A 211 11.09 -9.77 -14.77
CA SER A 211 12.32 -9.28 -15.36
C SER A 211 12.50 -7.78 -15.16
N LEU A 212 11.39 -7.02 -15.10
CA LEU A 212 11.48 -5.59 -14.81
C LEU A 212 12.03 -5.35 -13.42
N TYR A 213 11.41 -5.94 -12.39
CA TYR A 213 11.93 -5.75 -11.04
C TYR A 213 13.36 -6.27 -10.92
N THR A 214 13.65 -7.39 -11.57
CA THR A 214 15.00 -7.94 -11.48
C THR A 214 16.00 -6.99 -12.13
N ARG A 215 15.69 -6.51 -13.34
CA ARG A 215 16.58 -5.62 -14.06
C ARG A 215 16.83 -4.32 -13.29
N VAL A 216 15.78 -3.77 -12.66
CA VAL A 216 15.95 -2.49 -11.97
C VAL A 216 16.83 -2.66 -10.75
N VAL A 217 16.53 -3.64 -9.88
CA VAL A 217 17.31 -3.77 -8.66
C VAL A 217 18.70 -4.31 -8.96
N GLN A 218 18.83 -5.19 -9.96
CA GLN A 218 20.15 -5.72 -10.30
C GLN A 218 21.09 -4.60 -10.73
N GLY A 219 20.58 -3.57 -11.37
CA GLY A 219 21.41 -2.48 -11.82
C GLY A 219 21.86 -1.52 -10.74
N THR A 220 21.31 -1.63 -9.52
CA THR A 220 21.78 -0.78 -8.44
C THR A 220 23.21 -1.18 -8.07
N ALA A 221 23.85 -0.34 -7.24
CA ALA A 221 25.24 -0.61 -6.89
C ALA A 221 25.40 -1.96 -6.20
N ALA A 222 24.53 -2.27 -5.24
CA ALA A 222 24.60 -3.53 -4.51
C ALA A 222 23.84 -4.67 -5.18
N GLY A 223 23.26 -4.44 -6.36
CA GLY A 223 22.49 -5.51 -6.98
C GLY A 223 21.24 -5.84 -6.17
N LEU A 224 20.84 -7.12 -6.22
CA LEU A 224 19.62 -7.54 -5.54
C LEU A 224 19.64 -7.27 -4.04
N ALA A 225 20.80 -7.01 -3.44
CA ALA A 225 20.83 -6.73 -2.01
C ALA A 225 20.22 -5.37 -1.66
N SER A 226 19.93 -4.53 -2.66
CA SER A 226 19.39 -3.20 -2.40
C SER A 226 17.93 -3.26 -1.95
N ALA A 227 17.25 -4.39 -2.19
CA ALA A 227 15.86 -4.58 -1.83
C ALA A 227 15.77 -5.75 -0.86
N ASP A 228 15.24 -5.49 0.32
CA ASP A 228 15.09 -6.54 1.31
C ASP A 228 13.89 -7.42 1.01
N GLY A 229 12.95 -6.93 0.20
CA GLY A 229 11.80 -7.72 -0.16
C GLY A 229 10.81 -6.89 -0.95
N PHE A 230 9.55 -7.33 -0.91
CA PHE A 230 8.47 -6.75 -1.68
C PHE A 230 7.29 -6.50 -0.76
N ILE A 231 6.38 -5.60 -1.17
CA ILE A 231 5.13 -5.39 -0.44
C ILE A 231 3.96 -5.37 -1.41
N THR A 232 2.88 -6.05 -1.05
CA THR A 232 1.64 -6.06 -1.82
C THR A 232 0.53 -5.36 -1.03
N ASN A 233 -0.52 -4.95 -1.74
CA ASN A 233 -1.77 -4.42 -1.20
C ASN A 233 -1.63 -3.01 -0.62
N THR A 234 -0.52 -2.31 -0.88
CA THR A 234 -0.33 -0.98 -0.32
C THR A 234 -1.50 -0.09 -0.67
N ALA A 235 -2.18 0.42 0.36
CA ALA A 235 -3.32 1.32 0.22
C ALA A 235 -4.50 0.67 -0.50
N ASN A 236 -4.49 -0.65 -0.71
CA ASN A 236 -5.65 -1.28 -1.32
C ASN A 236 -6.40 -2.14 -0.31
N TYR A 237 -7.33 -2.96 -0.82
CA TYR A 237 -8.34 -3.61 0.00
C TYR A 237 -8.44 -5.12 -0.20
N THR A 238 -7.60 -5.73 -1.02
CA THR A 238 -7.79 -7.13 -1.36
C THR A 238 -7.54 -8.00 -0.14
N PRO A 239 -8.43 -8.94 0.16
CA PRO A 239 -8.33 -9.65 1.44
C PRO A 239 -7.07 -10.49 1.55
N LEU A 240 -6.66 -10.70 2.81
CA LEU A 240 -5.56 -11.62 3.11
C LEU A 240 -5.88 -13.02 2.62
N HIS A 241 -7.08 -13.50 2.90
CA HIS A 241 -7.56 -14.78 2.43
C HIS A 241 -9.00 -14.65 1.94
N GLU A 242 -9.34 -15.44 0.94
CA GLU A 242 -10.73 -15.68 0.60
C GLU A 242 -11.09 -17.06 1.15
N PRO A 243 -11.57 -17.13 2.39
CA PRO A 243 -11.70 -18.43 3.05
C PRO A 243 -12.75 -19.34 2.44
N ASN A 244 -13.74 -18.79 1.75
CA ASN A 244 -14.77 -19.66 1.19
C ASN A 244 -14.49 -20.05 -0.25
N LEU A 245 -13.40 -19.56 -0.84
CA LEU A 245 -13.05 -19.84 -2.23
C LEU A 245 -11.59 -20.29 -2.32
N PRO A 246 -11.21 -21.35 -1.59
CA PRO A 246 -9.79 -21.73 -1.54
C PRO A 246 -9.25 -22.29 -2.84
N ASN A 247 -10.11 -22.73 -3.76
CA ASN A 247 -9.67 -23.39 -5.00
C ASN A 247 -10.21 -22.63 -6.22
N PRO A 248 -9.40 -21.80 -6.87
CA PRO A 248 -9.89 -21.03 -8.04
C PRO A 248 -10.25 -21.90 -9.23
N ASP A 249 -9.80 -23.15 -9.26
CA ASP A 249 -10.05 -24.03 -10.40
C ASP A 249 -11.30 -24.87 -10.24
N LEU A 250 -11.96 -24.78 -9.10
CA LEU A 250 -13.20 -25.52 -8.87
C LEU A 250 -14.19 -25.17 -9.99
N THR A 251 -14.79 -26.20 -10.60
CA THR A 251 -15.71 -25.95 -11.71
C THR A 251 -17.14 -26.09 -11.26
N ILE A 252 -17.99 -25.20 -11.78
CA ILE A 252 -19.43 -25.24 -11.57
C ILE A 252 -20.07 -24.92 -12.90
N GLY A 253 -21.04 -25.73 -13.32
CA GLY A 253 -21.57 -25.56 -14.66
C GLY A 253 -20.51 -25.67 -15.73
N GLY A 254 -19.46 -26.45 -15.48
CA GLY A 254 -18.44 -26.67 -16.47
C GLY A 254 -17.40 -25.57 -16.59
N GLN A 255 -17.41 -24.59 -15.70
CA GLN A 255 -16.48 -23.48 -15.78
C GLN A 255 -15.81 -23.23 -14.44
N PRO A 256 -14.54 -22.86 -14.43
CA PRO A 256 -13.85 -22.60 -13.15
C PRO A 256 -14.34 -21.30 -12.54
N ILE A 257 -14.40 -21.27 -11.20
CA ILE A 257 -14.91 -20.08 -10.55
C ILE A 257 -14.00 -18.88 -10.78
N SER A 258 -12.73 -19.11 -11.16
CA SER A 258 -11.86 -18.02 -11.56
C SER A 258 -12.40 -17.25 -12.75
N SER A 259 -13.28 -17.86 -13.53
CA SER A 259 -13.87 -17.22 -14.71
C SER A 259 -15.14 -16.45 -14.38
N SER A 260 -15.52 -16.38 -13.10
CA SER A 260 -16.65 -15.54 -12.73
C SER A 260 -16.41 -14.09 -13.15
N THR A 261 -17.50 -13.32 -13.20
CA THR A 261 -17.41 -11.90 -13.53
C THR A 261 -16.42 -11.18 -12.61
N PHE A 262 -16.49 -11.46 -11.30
CA PHE A 262 -15.67 -10.73 -10.35
C PHE A 262 -14.17 -10.95 -10.58
N TYR A 263 -13.77 -12.15 -10.98
CA TYR A 263 -12.34 -12.41 -11.13
C TYR A 263 -11.87 -12.32 -12.57
N GLN A 264 -12.76 -12.45 -13.55
CA GLN A 264 -12.44 -12.24 -14.96
C GLN A 264 -11.23 -13.05 -15.40
N TRP A 265 -11.18 -14.31 -15.02
CA TRP A 265 -10.13 -15.25 -15.42
C TRP A 265 -8.83 -15.03 -14.68
N ASN A 266 -8.85 -14.31 -13.57
CA ASN A 266 -7.67 -14.09 -12.72
C ASN A 266 -7.73 -15.08 -11.55
N SER A 267 -6.78 -16.02 -11.50
CA SER A 267 -6.80 -17.05 -10.47
C SER A 267 -6.22 -16.61 -9.12
N VAL A 268 -5.83 -15.35 -8.97
CA VAL A 268 -5.28 -14.85 -7.71
C VAL A 268 -6.37 -14.05 -7.01
N PHE A 269 -6.94 -14.64 -5.95
CA PHE A 269 -8.11 -14.13 -5.24
C PHE A 269 -7.76 -13.33 -4.01
N ASP A 270 -6.57 -13.51 -3.45
CA ASP A 270 -6.22 -12.85 -2.20
C ASP A 270 -4.71 -12.56 -2.17
N GLU A 271 -4.31 -11.79 -1.15
CA GLU A 271 -2.93 -11.33 -1.08
C GLU A 271 -1.97 -12.43 -0.63
N SER A 272 -2.45 -13.40 0.15
N SER A 272 -2.45 -13.40 0.15
CA SER A 272 -1.61 -14.52 0.53
CA SER A 272 -1.58 -14.52 0.52
C SER A 272 -1.19 -15.33 -0.68
C SER A 272 -1.18 -15.32 -0.70
N THR A 273 -2.14 -15.68 -1.55
CA THR A 273 -1.82 -16.38 -2.79
C THR A 273 -0.90 -15.52 -3.67
N TYR A 274 -1.19 -14.22 -3.77
CA TYR A 274 -0.39 -13.32 -4.61
C TYR A 274 1.07 -13.29 -4.17
N ALA A 275 1.32 -13.12 -2.87
CA ALA A 275 2.69 -13.02 -2.38
C ALA A 275 3.47 -14.31 -2.65
N GLU A 276 2.81 -15.47 -2.53
CA GLU A 276 3.51 -16.73 -2.75
C GLU A 276 3.81 -16.95 -4.22
N VAL A 277 2.87 -16.61 -5.10
CA VAL A 277 3.13 -16.70 -6.54
C VAL A 277 4.33 -15.84 -6.91
N LEU A 278 4.40 -14.62 -6.38
CA LEU A 278 5.53 -13.74 -6.69
C LEU A 278 6.82 -14.28 -6.12
N TYR A 279 6.79 -14.72 -4.85
CA TYR A 279 7.98 -15.27 -4.21
C TYR A 279 8.61 -16.38 -5.06
N ASN A 280 7.79 -17.33 -5.50
CA ASN A 280 8.30 -18.46 -6.29
C ASN A 280 8.86 -17.98 -7.62
N ALA A 281 8.22 -17.01 -8.25
CA ALA A 281 8.71 -16.50 -9.51
C ALA A 281 10.04 -15.77 -9.33
N PHE A 282 10.19 -15.01 -8.23
CA PHE A 282 11.45 -14.29 -8.03
C PHE A 282 12.59 -15.24 -7.71
N VAL A 283 12.33 -16.22 -6.85
CA VAL A 283 13.34 -17.24 -6.62
C VAL A 283 13.69 -17.94 -7.93
N GLY A 284 12.68 -18.16 -8.79
CA GLY A 284 12.96 -18.73 -10.09
C GLY A 284 13.83 -17.84 -10.96
N ALA A 285 13.72 -16.52 -10.78
CA ALA A 285 14.56 -15.59 -11.50
C ALA A 285 15.93 -15.41 -10.86
N GLY A 286 16.23 -16.13 -9.78
CA GLY A 286 17.55 -16.06 -9.17
C GLY A 286 17.68 -15.16 -7.96
N TRP A 287 16.57 -14.68 -7.40
CA TRP A 287 16.60 -13.91 -6.16
C TRP A 287 16.93 -14.84 -4.99
N PRO A 288 17.54 -14.30 -3.92
CA PRO A 288 17.83 -15.15 -2.76
C PRO A 288 16.57 -15.64 -2.09
N SER A 289 16.65 -16.85 -1.56
CA SER A 289 15.48 -17.48 -0.97
C SER A 289 14.97 -16.73 0.25
N LYS A 290 15.81 -15.91 0.86
CA LYS A 290 15.43 -15.19 2.07
C LYS A 290 14.61 -13.94 1.81
N ILE A 291 14.32 -13.59 0.55
CA ILE A 291 13.50 -12.41 0.32
C ILE A 291 12.19 -12.54 1.08
N GLY A 292 11.69 -11.42 1.58
CA GLY A 292 10.47 -11.42 2.35
C GLY A 292 9.38 -10.56 1.72
N PHE A 293 8.14 -10.81 2.09
CA PHE A 293 7.02 -10.02 1.60
C PHE A 293 6.29 -9.34 2.75
N LEU A 294 5.97 -8.06 2.57
CA LEU A 294 5.01 -7.37 3.41
C LEU A 294 3.65 -7.39 2.71
N ILE A 295 2.58 -7.42 3.53
CA ILE A 295 1.23 -7.20 3.04
C ILE A 295 0.60 -6.08 3.86
N ASP A 296 0.05 -5.08 3.17
CA ASP A 296 -0.67 -4.00 3.83
C ASP A 296 -2.06 -4.50 4.22
N THR A 297 -2.31 -4.65 5.52
CA THR A 297 -3.58 -5.18 6.02
C THR A 297 -4.39 -4.12 6.74
N GLY A 298 -4.13 -2.84 6.48
CA GLY A 298 -4.82 -1.79 7.20
C GLY A 298 -6.30 -1.68 6.89
N ARG A 299 -6.71 -2.09 5.68
CA ARG A 299 -8.09 -1.84 5.27
C ARG A 299 -8.69 -3.00 4.48
N ASN A 300 -8.19 -4.23 4.71
CA ASN A 300 -8.58 -5.36 3.87
C ASN A 300 -9.27 -6.47 4.65
N GLY A 301 -9.85 -6.15 5.81
CA GLY A 301 -10.43 -7.19 6.65
C GLY A 301 -11.75 -7.73 6.11
N TRP A 302 -12.59 -6.86 5.54
CA TRP A 302 -13.91 -7.24 5.01
C TRP A 302 -14.75 -8.02 6.04
N GLY A 303 -14.86 -7.46 7.23
CA GLY A 303 -15.65 -8.03 8.31
C GLY A 303 -17.01 -7.36 8.46
N GLY A 304 -17.51 -7.36 9.70
CA GLY A 304 -18.88 -6.98 9.96
C GLY A 304 -19.81 -8.18 9.91
N SER A 305 -21.08 -7.92 10.24
CA SER A 305 -22.04 -9.01 10.44
C SER A 305 -22.62 -9.58 9.14
N ALA A 306 -22.24 -9.06 7.96
CA ALA A 306 -22.68 -9.66 6.71
C ALA A 306 -21.58 -10.45 6.01
N ARG A 307 -20.41 -10.61 6.62
CA ARG A 307 -19.32 -11.34 5.99
C ARG A 307 -19.74 -12.78 5.72
N PRO A 308 -19.61 -13.26 4.48
CA PRO A 308 -20.06 -14.62 4.15
C PRO A 308 -19.23 -15.67 4.88
N THR A 309 -19.90 -16.76 5.26
CA THR A 309 -19.27 -17.88 5.95
C THR A 309 -19.22 -19.13 5.09
N SER A 310 -19.80 -19.09 3.89
CA SER A 310 -19.83 -20.24 3.00
C SER A 310 -20.10 -19.73 1.58
N ALA A 311 -20.03 -20.66 0.62
CA ALA A 311 -20.34 -20.38 -0.78
C ALA A 311 -21.27 -21.46 -1.33
N SER A 312 -22.24 -21.02 -2.15
CA SER A 312 -23.24 -21.93 -2.67
C SER A 312 -23.81 -21.32 -3.94
N GLY A 313 -24.17 -22.16 -4.89
CA GLY A 313 -24.75 -21.67 -6.12
C GLY A 313 -24.44 -22.62 -7.25
N ASN A 314 -25.37 -22.69 -8.20
CA ASN A 314 -25.27 -23.63 -9.31
C ASN A 314 -24.63 -23.02 -10.56
N ASP A 315 -24.04 -21.84 -10.43
CA ASP A 315 -23.27 -21.22 -11.52
C ASP A 315 -22.12 -20.43 -10.89
N VAL A 316 -21.06 -20.17 -11.66
CA VAL A 316 -19.86 -19.62 -11.02
C VAL A 316 -20.11 -18.24 -10.43
N ASN A 317 -20.97 -17.44 -11.06
CA ASN A 317 -21.22 -16.10 -10.53
C ASN A 317 -21.97 -16.16 -9.22
N THR A 318 -23.07 -16.93 -9.17
CA THR A 318 -23.80 -17.06 -7.91
C THR A 318 -22.88 -17.57 -6.81
N TYR A 319 -22.07 -18.57 -7.14
CA TYR A 319 -21.17 -19.18 -6.15
C TYR A 319 -20.17 -18.17 -5.63
N VAL A 320 -19.41 -17.53 -6.53
CA VAL A 320 -18.37 -16.58 -6.15
C VAL A 320 -18.98 -15.42 -5.38
N ASN A 321 -20.08 -14.85 -5.90
CA ASN A 321 -20.69 -13.69 -5.23
C ASN A 321 -21.31 -14.07 -3.88
N SER A 322 -21.75 -15.32 -3.71
CA SER A 322 -22.21 -15.71 -2.39
C SER A 322 -21.06 -15.78 -1.39
N GLY A 323 -19.87 -16.18 -1.84
CA GLY A 323 -18.82 -16.52 -0.90
C GLY A 323 -17.69 -15.53 -0.71
N ARG A 324 -17.43 -14.66 -1.69
CA ARG A 324 -16.31 -13.75 -1.58
C ARG A 324 -16.50 -12.78 -0.42
N VAL A 325 -15.45 -12.58 0.38
CA VAL A 325 -15.56 -11.59 1.44
C VAL A 325 -15.27 -10.20 0.89
N ASP A 326 -14.44 -10.07 -0.15
CA ASP A 326 -14.29 -8.81 -0.86
C ASP A 326 -15.60 -8.49 -1.60
N ARG A 327 -16.34 -7.48 -1.12
CA ARG A 327 -17.67 -7.19 -1.64
C ARG A 327 -17.69 -6.06 -2.68
N ARG A 328 -16.53 -5.69 -3.23
CA ARG A 328 -16.47 -4.56 -4.15
C ARG A 328 -17.23 -4.86 -5.44
N LEU A 329 -17.63 -3.78 -6.13
CA LEU A 329 -18.31 -3.93 -7.41
C LEU A 329 -17.37 -4.46 -8.49
N HIS A 330 -16.08 -4.20 -8.33
CA HIS A 330 -15.05 -4.52 -9.31
C HIS A 330 -13.72 -4.44 -8.59
N ARG A 331 -12.82 -5.39 -8.85
CA ARG A 331 -11.53 -5.35 -8.16
C ARG A 331 -10.69 -4.13 -8.52
N GLY A 332 -11.06 -3.40 -9.58
CA GLY A 332 -10.34 -2.19 -9.95
C GLY A 332 -10.70 -0.95 -9.15
N ASN A 333 -11.71 -1.04 -8.29
CA ASN A 333 -12.17 0.11 -7.50
C ASN A 333 -11.28 0.26 -6.27
N TRP A 334 -10.52 1.35 -6.21
CA TRP A 334 -9.49 1.52 -5.21
C TRP A 334 -9.75 2.64 -4.22
N CYS A 335 -10.78 3.46 -4.41
CA CYS A 335 -10.88 4.69 -3.64
C CYS A 335 -11.99 4.64 -2.60
N ASN A 336 -11.63 4.92 -1.35
CA ASN A 336 -12.57 5.13 -0.23
C ASN A 336 -13.69 4.09 -0.24
N GLN A 337 -13.30 2.82 -0.19
CA GLN A 337 -14.27 1.78 -0.54
C GLN A 337 -15.28 1.57 0.59
N SER A 338 -16.56 1.50 0.21
CA SER A 338 -17.59 1.25 1.20
C SER A 338 -17.55 -0.21 1.61
N GLY A 339 -18.07 -0.50 2.79
CA GLY A 339 -18.10 -1.86 3.29
C GLY A 339 -16.76 -2.38 3.78
N ALA A 340 -15.65 -1.77 3.39
CA ALA A 340 -14.34 -2.27 3.79
C ALA A 340 -14.16 -2.17 5.30
N GLY A 341 -13.34 -3.06 5.84
CA GLY A 341 -12.98 -3.02 7.23
C GLY A 341 -11.49 -3.14 7.46
N ILE A 342 -11.06 -2.71 8.65
CA ILE A 342 -9.67 -2.89 9.06
C ILE A 342 -9.32 -4.37 9.05
N GLY A 343 -8.10 -4.69 8.60
CA GLY A 343 -7.66 -6.08 8.56
C GLY A 343 -6.78 -6.45 9.72
N MET A 344 -5.87 -7.40 9.49
CA MET A 344 -4.97 -7.84 10.56
C MET A 344 -4.19 -6.66 11.12
N PRO A 345 -4.08 -6.53 12.43
CA PRO A 345 -3.18 -5.53 13.03
C PRO A 345 -1.74 -5.78 12.59
N PRO A 346 -0.89 -4.76 12.65
CA PRO A 346 0.53 -4.98 12.31
C PRO A 346 1.09 -6.15 13.11
N THR A 347 1.69 -7.11 12.41
CA THR A 347 2.08 -8.39 12.98
C THR A 347 3.44 -8.80 12.44
N ALA A 348 4.38 -9.15 13.33
CA ALA A 348 5.72 -9.54 12.91
C ALA A 348 5.76 -11.03 12.52
N ALA A 349 6.38 -11.32 11.38
CA ALA A 349 6.69 -12.70 10.96
C ALA A 349 5.53 -13.68 11.12
N PRO A 350 4.35 -13.39 10.53
CA PRO A 350 3.20 -14.27 10.74
C PRO A 350 3.31 -15.65 10.12
N GLY A 351 4.25 -15.91 9.24
CA GLY A 351 4.47 -17.24 8.71
C GLY A 351 5.07 -17.23 7.31
N GLY A 352 5.87 -18.26 7.03
CA GLY A 352 6.42 -18.42 5.70
C GLY A 352 7.33 -17.27 5.32
N HIS A 353 7.20 -16.81 4.08
CA HIS A 353 8.02 -15.73 3.56
C HIS A 353 7.40 -14.35 3.79
N ILE A 354 6.39 -14.24 4.66
CA ILE A 354 5.79 -12.95 5.00
C ILE A 354 6.58 -12.36 6.16
N HIS A 355 7.34 -11.29 5.88
CA HIS A 355 8.12 -10.66 6.94
C HIS A 355 7.20 -9.98 7.96
N ALA A 356 6.08 -9.42 7.51
CA ALA A 356 5.21 -8.70 8.44
C ALA A 356 3.91 -8.34 7.74
N TYR A 357 2.84 -8.27 8.52
CA TYR A 357 1.65 -7.50 8.13
C TYR A 357 1.85 -6.08 8.63
N VAL A 358 1.62 -5.09 7.76
CA VAL A 358 1.86 -3.69 8.11
C VAL A 358 0.58 -2.90 7.77
N TRP A 359 0.41 -1.77 8.45
CA TRP A 359 -0.63 -0.82 8.06
C TRP A 359 0.08 0.22 7.22
N GLY A 360 0.19 -0.08 5.92
CA GLY A 360 0.83 0.84 4.99
C GLY A 360 0.09 2.15 4.89
N LYS A 361 -1.22 2.09 4.72
CA LYS A 361 -2.06 3.27 4.78
C LYS A 361 -2.97 3.16 5.99
N GLY A 362 -2.82 4.09 6.92
CA GLY A 362 -3.66 4.13 8.12
C GLY A 362 -5.13 4.33 7.81
N GLY A 363 -5.97 3.41 8.27
CA GLY A 363 -7.39 3.46 7.99
C GLY A 363 -7.99 4.75 8.50
N GLY A 364 -8.80 5.42 7.68
CA GLY A 364 -9.42 6.69 8.02
C GLY A 364 -8.96 7.84 7.15
N GLU A 365 -7.76 7.75 6.57
CA GLU A 365 -7.30 8.79 5.67
C GLU A 365 -7.91 8.60 4.28
N SER A 366 -8.29 9.72 3.66
CA SER A 366 -8.99 9.67 2.39
C SER A 366 -8.05 9.32 1.25
N ASP A 367 -8.57 8.53 0.28
CA ASP A 367 -7.86 8.21 -0.95
C ASP A 367 -8.00 9.29 -2.01
N GLY A 368 -8.84 10.28 -1.77
CA GLY A 368 -9.09 11.38 -2.69
C GLY A 368 -10.51 11.89 -2.46
N SER A 369 -10.73 13.17 -2.80
CA SER A 369 -12.02 13.78 -2.56
C SER A 369 -13.02 13.35 -3.64
N SER A 370 -14.30 13.41 -3.29
CA SER A 370 -15.37 13.01 -4.19
C SER A 370 -15.82 14.14 -5.11
N LYS A 371 -15.17 15.29 -5.02
CA LYS A 371 -15.34 16.44 -5.93
C LYS A 371 -14.04 17.24 -5.84
N TYR A 372 -13.92 18.29 -6.64
CA TYR A 372 -12.77 19.18 -6.48
C TYR A 372 -13.05 20.16 -5.34
N ILE A 373 -12.24 20.07 -4.30
CA ILE A 373 -12.37 20.88 -3.09
C ILE A 373 -11.22 21.89 -3.07
N PRO A 374 -11.50 23.18 -2.86
CA PRO A 374 -10.39 24.14 -2.77
C PRO A 374 -9.44 23.74 -1.66
N ASN A 375 -8.15 23.73 -2.00
CA ASN A 375 -7.11 23.35 -1.06
C ASN A 375 -5.80 23.93 -1.55
N LYS A 376 -4.84 24.05 -0.64
CA LYS A 376 -3.54 24.61 -0.99
C LYS A 376 -2.47 23.55 -1.18
N GLN A 377 -2.84 22.27 -1.28
CA GLN A 377 -1.86 21.21 -1.49
C GLN A 377 -1.86 20.68 -2.91
N GLY A 378 -2.64 21.27 -3.81
CA GLY A 378 -2.67 20.78 -5.17
C GLY A 378 -3.29 19.41 -5.31
N LYS A 379 -4.29 19.09 -4.49
CA LYS A 379 -4.97 17.81 -4.56
C LYS A 379 -6.26 17.95 -5.37
N GLY A 380 -6.39 17.11 -6.39
CA GLY A 380 -7.43 17.24 -7.39
C GLY A 380 -8.60 16.31 -7.19
N PHE A 381 -9.30 16.04 -8.30
CA PHE A 381 -10.55 15.30 -8.30
C PHE A 381 -10.40 14.13 -9.26
N ASP A 382 -10.14 12.95 -8.72
CA ASP A 382 -10.09 11.71 -9.49
C ASP A 382 -11.48 11.12 -9.50
N ARG A 383 -12.05 10.92 -10.70
CA ARG A 383 -13.41 10.37 -10.78
C ARG A 383 -13.52 8.98 -10.17
N TYR A 384 -12.42 8.25 -10.00
CA TYR A 384 -12.58 6.98 -9.29
C TYR A 384 -12.97 7.18 -7.84
N CYS A 385 -12.92 8.42 -7.32
CA CYS A 385 -13.39 8.79 -5.99
C CYS A 385 -14.79 9.37 -6.00
N ASP A 386 -15.41 9.43 -7.18
CA ASP A 386 -16.76 9.93 -7.38
C ASP A 386 -17.73 8.77 -7.28
N PRO A 387 -18.60 8.71 -6.27
CA PRO A 387 -19.55 7.57 -6.16
C PRO A 387 -20.41 7.34 -7.40
N THR A 388 -20.66 8.37 -8.22
CA THR A 388 -21.59 8.32 -9.33
C THR A 388 -20.92 8.00 -10.66
N TYR A 389 -19.59 7.86 -10.68
CA TYR A 389 -18.87 7.73 -11.93
C TYR A 389 -18.90 6.28 -12.41
N THR A 390 -19.18 6.09 -13.69
CA THR A 390 -19.10 4.77 -14.31
C THR A 390 -17.70 4.60 -14.89
N THR A 391 -16.95 3.63 -14.36
CA THR A 391 -15.55 3.44 -14.73
C THR A 391 -15.45 2.84 -16.14
N PRO A 392 -14.25 2.77 -16.71
CA PRO A 392 -14.08 2.05 -17.98
C PRO A 392 -14.39 0.57 -17.89
N ASP A 393 -14.49 0.02 -16.67
CA ASP A 393 -14.83 -1.38 -16.48
C ASP A 393 -16.33 -1.60 -16.39
N GLY A 394 -17.12 -0.55 -16.47
CA GLY A 394 -18.56 -0.67 -16.60
C GLY A 394 -19.32 -0.81 -15.30
N THR A 395 -18.73 -0.43 -14.17
CA THR A 395 -19.45 -0.39 -12.90
C THR A 395 -19.27 0.98 -12.26
N LEU A 396 -20.03 1.22 -11.19
CA LEU A 396 -19.77 2.40 -10.39
C LEU A 396 -18.51 2.18 -9.56
N THR A 397 -18.07 3.25 -8.88
CA THR A 397 -16.77 3.23 -8.22
C THR A 397 -16.82 2.56 -6.84
N GLY A 398 -17.97 2.53 -6.19
CA GLY A 398 -18.03 2.10 -4.80
C GLY A 398 -17.42 3.07 -3.80
N ALA A 399 -16.98 4.25 -4.22
CA ALA A 399 -16.37 5.19 -3.29
C ALA A 399 -17.43 5.82 -2.38
N LEU A 400 -17.07 6.06 -1.12
CA LEU A 400 -18.00 6.72 -0.20
C LEU A 400 -18.21 8.18 -0.61
N PRO A 401 -19.43 8.69 -0.51
CA PRO A 401 -19.69 10.09 -0.86
C PRO A 401 -19.17 11.06 0.19
N ASN A 402 -19.11 12.33 -0.22
CA ASN A 402 -18.71 13.43 0.65
C ASN A 402 -17.33 13.19 1.26
N ALA A 403 -16.36 12.81 0.41
CA ALA A 403 -15.01 12.49 0.84
C ALA A 403 -14.10 13.73 0.77
N PRO A 404 -13.21 13.91 1.75
CA PRO A 404 -12.28 15.05 1.72
C PRO A 404 -11.05 14.72 0.88
N ILE A 405 -10.15 15.71 0.75
CA ILE A 405 -9.05 15.54 -0.17
C ILE A 405 -8.11 14.41 0.30
N ALA A 406 -7.36 13.88 -0.65
CA ALA A 406 -6.45 12.77 -0.43
C ALA A 406 -5.51 13.04 0.74
N GLY A 407 -5.38 12.04 1.61
CA GLY A 407 -4.44 12.09 2.72
C GLY A 407 -4.92 12.87 3.92
N THR A 408 -6.17 13.29 3.97
CA THR A 408 -6.76 13.93 5.15
C THR A 408 -7.91 13.07 5.69
N TRP A 409 -8.32 13.36 6.92
CA TRP A 409 -9.16 12.44 7.68
C TRP A 409 -10.59 12.35 7.14
N PHE A 410 -11.11 11.14 7.07
CA PHE A 410 -12.43 10.85 6.52
C PHE A 410 -13.21 10.11 7.62
N HIS A 411 -13.87 10.89 8.49
CA HIS A 411 -14.53 10.34 9.66
C HIS A 411 -15.50 9.22 9.31
N ALA A 412 -16.32 9.39 8.26
CA ALA A 412 -17.31 8.37 7.94
C ALA A 412 -16.65 7.06 7.50
N HIS A 413 -15.59 7.13 6.69
CA HIS A 413 -14.86 5.91 6.31
C HIS A 413 -14.21 5.26 7.53
N PHE A 414 -13.74 6.08 8.47
CA PHE A 414 -13.06 5.54 9.64
C PHE A 414 -14.01 4.71 10.49
N VAL A 415 -15.16 5.29 10.86
CA VAL A 415 -16.16 4.57 11.63
C VAL A 415 -16.52 3.26 10.94
N GLN A 416 -16.71 3.31 9.62
CA GLN A 416 -17.04 2.11 8.86
C GLN A 416 -15.90 1.08 8.96
N LEU A 417 -14.66 1.53 8.76
CA LEU A 417 -13.51 0.61 8.80
C LEU A 417 -13.37 -0.08 10.15
N VAL A 418 -13.55 0.67 11.24
CA VAL A 418 -13.47 0.08 12.59
C VAL A 418 -14.61 -0.91 12.81
N THR A 419 -15.84 -0.49 12.47
CA THR A 419 -17.01 -1.33 12.65
C THR A 419 -16.87 -2.65 11.90
N ASN A 420 -16.26 -2.62 10.72
CA ASN A 420 -16.20 -3.78 9.85
C ASN A 420 -14.86 -4.51 9.95
N ALA A 421 -14.14 -4.32 11.06
CA ALA A 421 -12.81 -4.89 11.19
C ALA A 421 -12.87 -6.40 11.20
N TYR A 422 -11.89 -7.02 10.56
CA TYR A 422 -11.73 -8.47 10.65
C TYR A 422 -10.25 -8.80 10.67
N PRO A 423 -9.75 -9.39 11.77
CA PRO A 423 -10.51 -9.75 12.97
C PRO A 423 -11.09 -8.55 13.73
N ALA A 424 -12.13 -8.76 14.53
CA ALA A 424 -12.74 -7.65 15.24
C ALA A 424 -11.72 -7.01 16.16
N ILE A 425 -11.90 -5.70 16.42
CA ILE A 425 -10.97 -4.98 17.29
C ILE A 425 -11.13 -5.48 18.72
#